data_4K6C
#
_entry.id   4K6C
#
_cell.length_a   84.480
_cell.length_b   84.480
_cell.length_c   143.160
_cell.angle_alpha   90.000
_cell.angle_beta   90.000
_cell.angle_gamma   120.000
#
_symmetry.space_group_name_H-M   'P 31 2 1'
#
loop_
_entity.id
_entity.type
_entity.pdbx_description
1 polymer 'Acetoacetyl-CoA reductase'
2 non-polymer 'CHLORIDE ION'
3 non-polymer 1,2-ETHANEDIOL
4 water water
#
_entity_poly.entity_id   1
_entity_poly.type   'polypeptide(L)'
_entity_poly.pdbx_seq_one_letter_code
;MAHHHHHHMTKRIAVVTGGMGGLGEAVSIRLNDAGHRVVVTYSPNNTGADRWLTEMHAAGREFHAYPVDVADHDSCQQCI
EKIVRDVGPVDILVNNAGITRDMTLRKLDKVNWDAVIRTNLDSVFNMTKPVCDGMVERGWGRIVNISSVNGSKGSVGQTN
YAAAKAGMHGFTKSLALEIARKGVTVNTVSPGYLATKMVTAIPQDILDTKILPQIPAGRLGKPEEVAALVAYLCSEEAGF
VTGSNIAINGGQHMH
;
_entity_poly.pdbx_strand_id   A,B
#
loop_
_chem_comp.id
_chem_comp.type
_chem_comp.name
_chem_comp.formula
CL non-polymer 'CHLORIDE ION' 'Cl -1'
EDO non-polymer 1,2-ETHANEDIOL 'C2 H6 O2'
#
# COMPACT_ATOMS: atom_id res chain seq x y z
N LYS A 11 10.94 -1.86 32.25
CA LYS A 11 11.99 -1.16 31.49
C LYS A 11 11.31 -0.44 30.26
N ARG A 12 10.54 -1.11 29.40
CA ARG A 12 10.32 -0.58 28.03
C ARG A 12 9.20 0.42 27.99
N ILE A 13 9.34 1.38 27.10
CA ILE A 13 8.37 2.47 26.93
C ILE A 13 7.73 2.24 25.58
N ALA A 14 6.41 2.16 25.59
CA ALA A 14 5.61 1.84 24.44
C ALA A 14 4.64 2.96 24.07
N VAL A 15 4.55 3.24 22.76
CA VAL A 15 3.58 4.17 22.22
C VAL A 15 2.56 3.42 21.38
N VAL A 16 1.27 3.61 21.65
CA VAL A 16 0.17 2.99 20.96
C VAL A 16 -0.72 4.11 20.41
N THR A 17 -0.68 4.31 19.09
CA THR A 17 -1.48 5.35 18.47
C THR A 17 -2.94 4.88 18.48
N GLY A 18 -3.89 5.80 18.79
CA GLY A 18 -5.29 5.38 18.89
C GLY A 18 -5.53 4.56 20.12
N GLY A 19 -4.66 4.71 21.09
CA GLY A 19 -4.62 3.85 22.28
C GLY A 19 -5.71 3.87 23.30
N MET A 20 -6.66 4.79 23.18
CA MET A 20 -7.67 5.01 24.21
C MET A 20 -8.99 4.33 23.87
N GLY A 21 -9.09 3.69 22.69
CA GLY A 21 -10.38 3.13 22.33
C GLY A 21 -10.15 1.87 21.52
N GLY A 22 -11.13 0.99 21.55
CA GLY A 22 -11.24 -0.12 20.62
C GLY A 22 -10.07 -1.10 20.78
N LEU A 23 -9.53 -1.53 19.66
CA LEU A 23 -8.33 -2.40 19.67
C LEU A 23 -7.15 -1.71 20.35
N GLY A 24 -6.96 -0.42 20.08
CA GLY A 24 -5.84 0.31 20.69
C GLY A 24 -5.84 0.25 22.21
N GLU A 25 -7.04 0.36 22.77
CA GLU A 25 -7.23 0.21 24.21
C GLU A 25 -6.77 -1.11 24.73
N ALA A 26 -7.19 -2.17 24.06
CA ALA A 26 -6.88 -3.52 24.51
C ALA A 26 -5.37 -3.72 24.50
N VAL A 27 -4.75 -3.22 23.44
CA VAL A 27 -3.28 -3.24 23.31
C VAL A 27 -2.59 -2.45 24.46
N SER A 28 -3.07 -1.25 24.77
CA SER A 28 -2.47 -0.40 25.75
C SER A 28 -2.54 -1.09 27.13
N ILE A 29 -3.71 -1.62 27.42
CA ILE A 29 -3.94 -2.41 28.63
C ILE A 29 -3.02 -3.63 28.76
N ARG A 30 -2.94 -4.42 27.71
CA ARG A 30 -2.07 -5.58 27.68
C ARG A 30 -0.61 -5.26 27.83
N LEU A 31 -0.15 -4.26 27.10
CA LEU A 31 1.26 -3.90 27.26
C LEU A 31 1.59 -3.38 28.65
N ASN A 32 0.69 -2.58 29.22
CA ASN A 32 0.83 -2.13 30.59
C ASN A 32 0.98 -3.32 31.54
N ASP A 33 0.08 -4.30 31.38
CA ASP A 33 0.03 -5.42 32.26
C ASP A 33 1.23 -6.32 32.01
N ALA A 34 1.92 -6.16 30.87
CA ALA A 34 3.12 -6.94 30.61
C ALA A 34 4.32 -6.28 31.28
N GLY A 35 4.15 -5.12 31.87
CA GLY A 35 5.28 -4.50 32.52
C GLY A 35 5.82 -3.29 31.78
N HIS A 36 5.26 -2.96 30.62
CA HIS A 36 5.72 -1.77 29.90
C HIS A 36 5.05 -0.47 30.45
N ARG A 37 5.74 0.64 30.25
CA ARG A 37 5.19 1.97 30.44
C ARG A 37 4.57 2.45 29.17
N VAL A 38 3.26 2.64 29.20
CA VAL A 38 2.48 2.86 27.99
C VAL A 38 2.05 4.32 27.84
N VAL A 39 2.36 4.85 26.67
CA VAL A 39 1.90 6.14 26.21
C VAL A 39 0.92 5.95 25.05
N VAL A 40 -0.21 6.64 25.13
CA VAL A 40 -1.21 6.64 24.00
C VAL A 40 -1.28 8.00 23.34
N THR A 41 -1.74 7.96 22.10
CA THR A 41 -2.06 9.17 21.35
C THR A 41 -3.50 9.19 20.95
N TYR A 42 -4.03 10.39 20.79
CA TYR A 42 -5.40 10.61 20.34
C TYR A 42 -5.46 11.86 19.46
N SER A 43 -6.48 11.95 18.62
CA SER A 43 -6.69 13.16 17.80
C SER A 43 -7.00 14.34 18.68
N PRO A 44 -6.44 15.50 18.29
CA PRO A 44 -6.66 16.68 19.12
C PRO A 44 -8.13 17.02 19.25
N ASN A 45 -9.01 16.60 18.33
CA ASN A 45 -10.47 16.91 18.46
C ASN A 45 -11.23 15.88 19.31
N ASN A 46 -10.54 14.82 19.75
CA ASN A 46 -11.12 13.85 20.71
C ASN A 46 -11.04 14.50 22.11
N THR A 47 -12.18 14.71 22.73
CA THR A 47 -12.27 15.32 24.06
C THR A 47 -12.44 14.28 25.22
N GLY A 48 -12.18 13.01 24.93
CA GLY A 48 -12.30 11.91 25.89
C GLY A 48 -11.10 11.50 26.71
N ALA A 49 -9.99 12.24 26.64
CA ALA A 49 -8.76 11.74 27.30
C ALA A 49 -8.90 11.66 28.84
N ASP A 50 -9.41 12.74 29.45
CA ASP A 50 -9.59 12.78 30.91
C ASP A 50 -10.53 11.66 31.37
N ARG A 51 -11.59 11.43 30.62
CA ARG A 51 -12.49 10.33 30.95
C ARG A 51 -11.78 8.96 30.92
N TRP A 52 -10.97 8.75 29.88
CA TRP A 52 -10.28 7.46 29.72
C TRP A 52 -9.20 7.24 30.76
N LEU A 53 -8.40 8.26 31.04
CA LEU A 53 -7.43 8.23 32.13
C LEU A 53 -8.02 7.97 33.50
N THR A 54 -9.14 8.61 33.77
CA THR A 54 -9.84 8.42 35.03
C THR A 54 -10.29 6.97 35.23
N GLU A 55 -10.89 6.41 34.18
CA GLU A 55 -11.31 5.04 34.15
C GLU A 55 -10.12 4.11 34.34
N MET A 56 -9.05 4.35 33.59
CA MET A 56 -7.87 3.51 33.69
C MET A 56 -7.24 3.57 35.10
N HIS A 57 -7.11 4.78 35.65
CA HIS A 57 -6.64 4.98 37.02
C HIS A 57 -7.47 4.23 38.05
N ALA A 58 -8.79 4.24 37.90
CA ALA A 58 -9.63 3.53 38.85
C ALA A 58 -9.45 2.02 38.70
N ALA A 59 -8.99 1.58 37.56
CA ALA A 59 -8.70 0.16 37.37
C ALA A 59 -7.25 -0.18 37.71
N GLY A 60 -6.52 0.78 38.28
CA GLY A 60 -5.13 0.55 38.68
C GLY A 60 -4.05 0.68 37.61
N ARG A 61 -4.33 1.26 36.43
CA ARG A 61 -3.31 1.40 35.41
C ARG A 61 -2.98 2.86 35.21
N GLU A 62 -1.70 3.16 35.05
CA GLU A 62 -1.27 4.55 34.88
C GLU A 62 -0.78 4.70 33.45
N PHE A 63 -1.34 5.65 32.70
CA PHE A 63 -0.90 5.90 31.32
C PHE A 63 -0.59 7.37 31.10
N HIS A 64 0.19 7.72 30.09
CA HIS A 64 0.26 9.11 29.60
C HIS A 64 -0.46 9.17 28.25
N ALA A 65 -1.19 10.26 27.97
CA ALA A 65 -1.93 10.38 26.73
C ALA A 65 -1.56 11.72 26.10
N TYR A 66 -1.24 11.74 24.80
CA TYR A 66 -0.83 12.93 24.07
C TYR A 66 -1.67 13.09 22.80
N PRO A 67 -2.10 14.32 22.52
CA PRO A 67 -2.78 14.69 21.27
C PRO A 67 -1.78 14.67 20.14
N VAL A 68 -2.21 14.13 19.02
CA VAL A 68 -1.39 14.11 17.80
C VAL A 68 -2.30 14.00 16.58
N ASP A 69 -1.88 14.57 15.47
CA ASP A 69 -2.48 14.26 14.19
C ASP A 69 -1.57 13.34 13.41
N VAL A 70 -1.90 12.06 13.38
CA VAL A 70 -0.93 11.09 12.78
C VAL A 70 -0.74 11.33 11.28
N ALA A 71 -1.69 12.03 10.67
CA ALA A 71 -1.56 12.37 9.22
C ALA A 71 -0.52 13.48 8.97
N ASP A 72 -0.08 14.14 10.04
CA ASP A 72 0.80 15.31 9.88
C ASP A 72 2.21 15.05 10.43
N HIS A 73 3.19 15.18 9.56
CA HIS A 73 4.53 14.75 9.85
C HIS A 73 5.10 15.54 11.04
N ASP A 74 4.91 16.86 11.07
CA ASP A 74 5.49 17.67 12.13
C ASP A 74 4.73 17.46 13.41
N SER A 75 3.43 17.25 13.30
CA SER A 75 2.67 16.95 14.50
C SER A 75 3.26 15.68 15.22
N CYS A 76 3.58 14.65 14.45
CA CYS A 76 4.10 13.41 15.01
C CYS A 76 5.53 13.61 15.56
N GLN A 77 6.34 14.34 14.84
CA GLN A 77 7.72 14.58 15.26
C GLN A 77 7.75 15.34 16.63
N GLN A 78 6.92 16.36 16.74
CA GLN A 78 6.81 17.15 17.99
C GLN A 78 6.22 16.33 19.15
N CYS A 79 5.23 15.49 18.87
CA CYS A 79 4.66 14.61 19.88
C CYS A 79 5.71 13.63 20.47
N ILE A 80 6.46 12.99 19.58
CA ILE A 80 7.50 12.07 20.03
C ILE A 80 8.58 12.81 20.83
N GLU A 81 9.00 13.97 20.37
CA GLU A 81 10.01 14.79 21.12
C GLU A 81 9.48 15.05 22.55
N LYS A 82 8.19 15.33 22.69
CA LYS A 82 7.58 15.60 23.98
C LYS A 82 7.52 14.34 24.81
N ILE A 83 7.18 13.24 24.19
CA ILE A 83 7.19 12.00 24.90
C ILE A 83 8.61 11.64 25.41
N VAL A 84 9.62 11.89 24.59
CA VAL A 84 10.97 11.59 25.00
C VAL A 84 11.39 12.49 26.17
N ARG A 85 11.02 13.76 26.14
CA ARG A 85 11.32 14.69 27.28
C ARG A 85 10.58 14.31 28.55
N ASP A 86 9.30 13.98 28.47
CA ASP A 86 8.49 13.85 29.70
C ASP A 86 8.48 12.45 30.21
N VAL A 87 8.67 11.46 29.35
CA VAL A 87 8.56 10.05 29.77
C VAL A 87 9.91 9.34 29.54
N GLY A 88 10.43 9.36 28.32
CA GLY A 88 11.74 8.69 28.02
C GLY A 88 11.76 8.12 26.59
N PRO A 89 12.86 7.51 26.18
CA PRO A 89 13.03 7.04 24.78
C PRO A 89 12.03 5.92 24.43
N VAL A 90 11.56 5.91 23.22
CA VAL A 90 10.53 4.95 22.82
C VAL A 90 11.25 3.69 22.30
N ASP A 91 10.93 2.60 22.96
CA ASP A 91 11.41 1.23 22.65
C ASP A 91 10.42 0.41 21.78
N ILE A 92 9.11 0.66 21.96
CA ILE A 92 7.99 -0.06 21.33
C ILE A 92 7.02 0.96 20.67
N LEU A 93 6.75 0.80 19.41
CA LEU A 93 5.66 1.57 18.74
C LEU A 93 4.64 0.62 18.08
N VAL A 94 3.39 0.85 18.41
CA VAL A 94 2.29 0.15 17.76
C VAL A 94 1.47 1.19 16.95
N ASN A 95 1.56 1.09 15.63
CA ASN A 95 0.81 1.94 14.72
C ASN A 95 -0.58 1.33 14.53
N ASN A 96 -1.50 1.74 15.41
CA ASN A 96 -2.86 1.22 15.46
C ASN A 96 -3.83 2.22 14.87
N ALA A 97 -3.50 3.51 14.91
CA ALA A 97 -4.45 4.48 14.39
C ALA A 97 -4.80 4.26 12.91
N GLY A 98 -6.07 4.48 12.61
CA GLY A 98 -6.59 4.32 11.30
C GLY A 98 -8.09 4.51 11.27
N ILE A 99 -8.60 4.86 10.09
CA ILE A 99 -10.03 5.15 9.93
C ILE A 99 -10.55 4.43 8.68
N THR A 100 -11.86 4.41 8.52
CA THR A 100 -12.46 3.97 7.26
C THR A 100 -13.32 5.09 6.69
N ARG A 101 -13.38 5.11 5.36
CA ARG A 101 -14.31 5.96 4.61
C ARG A 101 -14.78 5.11 3.40
N ASP A 102 -15.65 4.14 3.69
CA ASP A 102 -16.00 3.10 2.74
C ASP A 102 -16.90 3.66 1.64
N MET A 103 -16.53 3.47 0.38
CA MET A 103 -17.38 3.80 -0.75
CA MET A 103 -17.25 4.06 -0.79
C MET A 103 -16.81 3.08 -1.92
N THR A 104 -17.70 2.57 -2.76
CA THR A 104 -17.21 1.90 -3.98
C THR A 104 -16.41 2.92 -4.78
N LEU A 105 -15.50 2.44 -5.62
CA LEU A 105 -14.69 3.36 -6.41
C LEU A 105 -15.55 4.29 -7.28
N ARG A 106 -16.61 3.75 -7.85
CA ARG A 106 -17.48 4.61 -8.68
C ARG A 106 -18.01 5.85 -7.93
N LYS A 107 -18.18 5.74 -6.61
CA LYS A 107 -18.72 6.82 -5.80
C LYS A 107 -17.73 7.49 -4.87
N LEU A 108 -16.49 6.99 -4.85
CA LEU A 108 -15.48 7.44 -3.89
C LEU A 108 -14.90 8.79 -4.36
N ASP A 109 -14.94 9.81 -3.55
CA ASP A 109 -14.26 11.05 -4.02
C ASP A 109 -12.85 11.25 -3.48
N LYS A 110 -12.08 12.17 -4.10
CA LYS A 110 -10.69 12.36 -3.79
C LYS A 110 -10.50 12.65 -2.34
N VAL A 111 -11.47 13.37 -1.77
CA VAL A 111 -11.36 13.73 -0.36
C VAL A 111 -11.26 12.52 0.58
N ASN A 112 -12.07 11.55 0.26
CA ASN A 112 -12.21 10.32 1.01
C ASN A 112 -11.14 9.24 0.67
N TRP A 113 -10.62 9.27 -0.55
CA TRP A 113 -9.39 8.54 -0.86
C TRP A 113 -8.28 9.09 0.05
N ASP A 114 -8.11 10.38 -0.01
CA ASP A 114 -7.00 11.04 0.68
C ASP A 114 -7.08 10.88 2.17
N ALA A 115 -8.28 11.04 2.74
CA ALA A 115 -8.39 10.96 4.19
C ALA A 115 -7.83 9.61 4.71
N VAL A 116 -8.13 8.56 3.97
CA VAL A 116 -7.76 7.23 4.41
C VAL A 116 -6.28 6.96 4.11
N ILE A 117 -5.78 7.37 2.92
CA ILE A 117 -4.36 7.17 2.65
C ILE A 117 -3.47 7.95 3.67
N ARG A 118 -3.83 9.20 3.93
CA ARG A 118 -3.04 10.04 4.84
C ARG A 118 -3.13 9.55 6.28
N THR A 119 -4.33 9.25 6.79
CA THR A 119 -4.44 8.76 8.14
C THR A 119 -3.91 7.38 8.35
N ASN A 120 -4.08 6.47 7.37
CA ASN A 120 -3.77 5.11 7.61
C ASN A 120 -2.35 4.68 7.17
N LEU A 121 -1.84 5.31 6.10
CA LEU A 121 -0.57 4.88 5.48
C LEU A 121 0.56 5.93 5.77
N ASP A 122 0.27 7.20 5.48
CA ASP A 122 1.29 8.24 5.76
C ASP A 122 1.67 8.21 7.26
N SER A 123 0.68 7.93 8.08
CA SER A 123 0.89 7.75 9.53
C SER A 123 2.01 6.81 9.92
N VAL A 124 2.23 5.72 9.17
CA VAL A 124 3.26 4.77 9.54
C VAL A 124 4.62 5.44 9.37
N PHE A 125 4.76 6.20 8.27
CA PHE A 125 5.99 6.95 8.01
C PHE A 125 6.15 8.04 9.06
N ASN A 126 5.07 8.81 9.28
CA ASN A 126 5.12 9.95 10.24
C ASN A 126 5.48 9.57 11.68
N MET A 127 4.95 8.44 12.16
CA MET A 127 5.15 8.00 13.53
C MET A 127 6.39 7.17 13.66
N THR A 128 6.76 6.45 12.60
CA THR A 128 7.87 5.48 12.76
C THR A 128 9.24 6.19 12.62
N LYS A 129 9.35 7.11 11.68
CA LYS A 129 10.58 7.81 11.40
C LYS A 129 11.18 8.44 12.68
N PRO A 130 10.39 9.13 13.52
CA PRO A 130 11.07 9.81 14.66
C PRO A 130 11.48 8.89 15.77
N VAL A 131 11.13 7.58 15.70
CA VAL A 131 11.51 6.66 16.81
C VAL A 131 12.61 5.63 16.43
N CYS A 132 12.86 5.44 15.15
CA CYS A 132 13.84 4.39 14.69
C CYS A 132 15.29 4.55 15.08
N ASP A 133 15.80 5.78 15.01
CA ASP A 133 17.19 6.02 15.34
C ASP A 133 17.51 5.59 16.75
N GLY A 134 16.65 5.96 17.70
CA GLY A 134 16.83 5.56 19.07
C GLY A 134 16.92 4.03 19.24
N MET A 135 15.96 3.33 18.65
CA MET A 135 15.90 1.90 18.71
C MET A 135 17.18 1.34 18.13
N VAL A 136 17.62 1.90 17.03
CA VAL A 136 18.83 1.37 16.40
C VAL A 136 20.06 1.63 17.26
N GLU A 137 20.16 2.84 17.82
CA GLU A 137 21.34 3.23 18.64
C GLU A 137 21.42 2.33 19.85
N ARG A 138 20.31 1.98 20.47
CA ARG A 138 20.35 1.14 21.63
C ARG A 138 20.38 -0.37 21.26
N GLY A 139 20.22 -0.72 20.00
CA GLY A 139 20.25 -2.15 19.62
C GLY A 139 19.00 -2.98 20.03
N TRP A 140 17.86 -2.33 20.25
CA TRP A 140 16.63 -3.04 20.57
C TRP A 140 15.42 -2.17 20.21
N GLY A 141 14.43 -2.77 19.57
CA GLY A 141 13.18 -2.08 19.26
C GLY A 141 12.11 -3.04 18.77
N ARG A 142 10.86 -2.64 18.87
CA ARG A 142 9.72 -3.40 18.32
C ARG A 142 8.71 -2.43 17.69
N ILE A 143 8.44 -2.61 16.40
CA ILE A 143 7.46 -1.82 15.71
C ILE A 143 6.41 -2.84 15.23
N VAL A 144 5.15 -2.57 15.55
CA VAL A 144 4.04 -3.35 15.15
C VAL A 144 3.00 -2.47 14.44
N ASN A 145 2.72 -2.85 13.20
CA ASN A 145 1.78 -2.14 12.34
C ASN A 145 0.48 -2.92 12.27
N ILE A 146 -0.62 -2.30 12.64
CA ILE A 146 -1.88 -2.99 12.69
C ILE A 146 -2.56 -2.77 11.36
N SER A 147 -2.72 -3.86 10.60
CA SER A 147 -3.37 -3.87 9.31
C SER A 147 -4.81 -4.37 9.45
N SER A 148 -5.24 -5.26 8.52
CA SER A 148 -6.56 -5.78 8.44
C SER A 148 -6.58 -6.94 7.46
N VAL A 149 -7.45 -7.92 7.72
CA VAL A 149 -7.78 -8.99 6.78
C VAL A 149 -8.11 -8.38 5.42
N ASN A 150 -8.74 -7.20 5.41
CA ASN A 150 -9.14 -6.55 4.15
C ASN A 150 -7.95 -6.03 3.29
N GLY A 151 -6.78 -5.83 3.92
CA GLY A 151 -5.54 -5.63 3.19
C GLY A 151 -5.06 -6.87 2.44
N SER A 152 -5.26 -8.06 3.04
CA SER A 152 -4.93 -9.31 2.38
C SER A 152 -5.90 -9.70 1.34
N LYS A 153 -7.18 -9.59 1.65
CA LYS A 153 -8.14 -10.06 0.68
C LYS A 153 -8.86 -9.08 -0.17
N GLY A 154 -8.76 -7.81 0.15
CA GLY A 154 -9.54 -6.75 -0.55
C GLY A 154 -10.94 -6.79 0.03
N SER A 155 -11.70 -5.71 -0.17
CA SER A 155 -13.08 -5.64 0.25
C SER A 155 -13.83 -4.62 -0.56
N VAL A 156 -15.10 -4.95 -0.87
CA VAL A 156 -15.99 -4.02 -1.56
C VAL A 156 -16.13 -2.74 -0.77
N GLY A 157 -15.94 -1.61 -1.45
CA GLY A 157 -16.01 -0.30 -0.76
C GLY A 157 -14.72 0.18 -0.14
N GLN A 158 -13.64 -0.61 -0.26
CA GLN A 158 -12.37 -0.34 0.41
C GLN A 158 -11.19 -0.34 -0.54
N THR A 159 -11.34 0.25 -1.74
CA THR A 159 -10.10 0.50 -2.51
C THR A 159 -9.14 1.39 -1.78
N ASN A 160 -9.67 2.39 -1.03
CA ASN A 160 -8.80 3.24 -0.19
C ASN A 160 -8.23 2.51 1.04
N TYR A 161 -9.09 1.82 1.77
CA TYR A 161 -8.61 1.16 2.99
C TYR A 161 -7.63 0.01 2.69
N ALA A 162 -7.97 -0.82 1.73
CA ALA A 162 -7.08 -1.92 1.34
C ALA A 162 -5.81 -1.46 0.80
N ALA A 163 -5.83 -0.39 0.00
CA ALA A 163 -4.56 0.20 -0.47
C ALA A 163 -3.69 0.66 0.66
N ALA A 164 -4.28 1.34 1.63
CA ALA A 164 -3.49 1.84 2.80
C ALA A 164 -2.95 0.69 3.65
N LYS A 165 -3.83 -0.27 3.95
CA LYS A 165 -3.44 -1.39 4.80
C LYS A 165 -2.47 -2.37 4.11
N ALA A 166 -2.61 -2.63 2.82
CA ALA A 166 -1.61 -3.40 2.10
C ALA A 166 -0.30 -2.63 2.04
N GLY A 167 -0.38 -1.30 1.88
CA GLY A 167 0.77 -0.40 1.85
C GLY A 167 1.59 -0.46 3.14
N MET A 168 0.88 -0.56 4.25
CA MET A 168 1.51 -0.67 5.52
C MET A 168 2.46 -1.88 5.58
N HIS A 169 2.02 -2.97 5.05
CA HIS A 169 2.86 -4.19 5.04
C HIS A 169 4.07 -4.08 4.05
N GLY A 170 3.90 -3.40 2.92
CA GLY A 170 5.03 -2.97 2.11
C GLY A 170 6.09 -2.23 2.89
N PHE A 171 5.61 -1.26 3.66
CA PHE A 171 6.46 -0.50 4.60
C PHE A 171 7.15 -1.41 5.60
N THR A 172 6.36 -2.29 6.25
CA THR A 172 6.91 -3.25 7.20
C THR A 172 8.10 -4.01 6.65
N LYS A 173 7.94 -4.58 5.48
CA LYS A 173 8.97 -5.40 4.89
C LYS A 173 10.28 -4.59 4.62
N SER A 174 10.16 -3.45 3.95
CA SER A 174 11.29 -2.63 3.61
C SER A 174 12.01 -2.12 4.88
N LEU A 175 11.26 -1.68 5.87
CA LEU A 175 11.91 -1.18 7.06
C LEU A 175 12.57 -2.36 7.78
N ALA A 176 11.89 -3.53 7.84
CA ALA A 176 12.50 -4.66 8.53
C ALA A 176 13.89 -5.03 7.99
N LEU A 177 14.00 -4.97 6.67
CA LEU A 177 15.27 -5.21 5.97
C LEU A 177 16.32 -4.17 6.31
N GLU A 178 15.89 -2.95 6.47
CA GLU A 178 16.83 -1.85 6.80
C GLU A 178 17.44 -1.99 8.22
N ILE A 179 16.68 -2.40 9.19
CA ILE A 179 17.17 -2.37 10.51
C ILE A 179 17.21 -3.71 11.27
N ALA A 180 16.92 -4.85 10.59
CA ALA A 180 16.99 -6.11 11.28
C ALA A 180 18.37 -6.35 11.96
N ARG A 181 19.44 -5.89 11.31
CA ARG A 181 20.82 -6.16 11.79
C ARG A 181 21.11 -5.46 13.13
N LYS A 182 20.24 -4.53 13.53
CA LYS A 182 20.44 -3.75 14.74
C LYS A 182 19.51 -4.12 15.89
N GLY A 183 18.84 -5.26 15.79
CA GLY A 183 18.04 -5.77 16.89
C GLY A 183 16.65 -5.11 16.92
N VAL A 184 16.22 -4.49 15.83
CA VAL A 184 14.86 -3.92 15.77
C VAL A 184 14.00 -4.84 14.87
N THR A 185 12.80 -5.16 15.32
CA THR A 185 11.86 -5.94 14.52
C THR A 185 10.74 -5.05 14.09
N VAL A 186 10.18 -5.36 12.94
CA VAL A 186 9.04 -4.67 12.36
C VAL A 186 8.07 -5.74 11.80
N ASN A 187 6.80 -5.75 12.23
CA ASN A 187 5.87 -6.78 11.83
C ASN A 187 4.51 -6.18 11.65
N THR A 188 3.72 -6.86 10.82
CA THR A 188 2.34 -6.46 10.64
C THR A 188 1.42 -7.53 11.34
N VAL A 189 0.33 -7.04 11.97
CA VAL A 189 -0.74 -7.89 12.45
C VAL A 189 -2.06 -7.56 11.71
N SER A 190 -2.68 -8.59 11.11
CA SER A 190 -3.89 -8.41 10.35
C SER A 190 -5.10 -9.06 11.03
N PRO A 191 -5.85 -8.29 11.82
CA PRO A 191 -7.07 -8.84 12.40
C PRO A 191 -8.26 -8.99 11.49
N GLY A 192 -9.12 -9.99 11.78
CA GLY A 192 -10.44 -10.07 11.18
C GLY A 192 -11.46 -9.31 11.99
N TYR A 193 -12.70 -9.83 12.03
CA TYR A 193 -13.79 -9.16 12.72
C TYR A 193 -13.61 -9.23 14.22
N LEU A 194 -13.63 -8.06 14.87
CA LEU A 194 -13.45 -7.96 16.32
C LEU A 194 -14.66 -7.35 17.01
N ALA A 195 -14.88 -7.80 18.25
CA ALA A 195 -15.99 -7.35 19.06
C ALA A 195 -15.70 -6.00 19.71
N THR A 196 -15.55 -4.99 18.89
CA THR A 196 -15.39 -3.62 19.35
C THR A 196 -16.78 -3.04 19.50
N LYS A 197 -16.92 -1.86 20.11
CA LYS A 197 -18.25 -1.19 20.23
C LYS A 197 -18.95 -1.11 18.84
N MET A 198 -18.21 -0.73 17.80
CA MET A 198 -18.83 -0.55 16.45
C MET A 198 -19.52 -1.84 15.92
N VAL A 199 -18.82 -2.97 16.03
CA VAL A 199 -19.24 -4.23 15.44
C VAL A 199 -20.35 -4.89 16.26
N THR A 200 -20.21 -4.82 17.58
CA THR A 200 -21.21 -5.37 18.48
C THR A 200 -22.50 -4.54 18.42
N ALA A 201 -22.46 -3.35 17.82
CA ALA A 201 -23.69 -2.55 17.57
C ALA A 201 -24.33 -2.82 16.17
N ILE A 202 -23.79 -3.79 15.41
CA ILE A 202 -24.42 -4.25 14.17
C ILE A 202 -25.63 -5.05 14.64
N PRO A 203 -26.81 -4.85 14.02
CA PRO A 203 -27.97 -5.63 14.44
C PRO A 203 -27.66 -7.13 14.54
N GLN A 204 -28.17 -7.79 15.57
CA GLN A 204 -27.89 -9.20 15.81
C GLN A 204 -28.16 -10.01 14.56
N ASP A 205 -29.14 -9.52 13.83
CA ASP A 205 -29.60 -10.16 12.63
C ASP A 205 -28.56 -10.16 11.51
N ILE A 206 -27.93 -9.01 11.31
CA ILE A 206 -26.89 -8.88 10.34
C ILE A 206 -25.63 -9.67 10.83
N LEU A 207 -25.35 -9.67 12.15
CA LEU A 207 -24.23 -10.49 12.67
C LEU A 207 -24.41 -11.97 12.30
N ASP A 208 -25.61 -12.49 12.52
CA ASP A 208 -25.89 -13.88 12.25
C ASP A 208 -25.93 -14.28 10.78
N THR A 209 -26.36 -13.42 9.87
CA THR A 209 -26.55 -13.87 8.49
C THR A 209 -25.49 -13.34 7.62
N LYS A 210 -24.82 -12.26 8.03
CA LYS A 210 -23.82 -11.65 7.15
C LYS A 210 -22.37 -11.75 7.66
N ILE A 211 -22.15 -11.50 8.95
CA ILE A 211 -20.77 -11.47 9.47
C ILE A 211 -20.28 -12.86 9.84
N LEU A 212 -20.97 -13.48 10.80
CA LEU A 212 -20.48 -14.76 11.38
C LEU A 212 -20.29 -15.87 10.36
N PRO A 213 -21.07 -15.91 9.27
CA PRO A 213 -20.84 -16.99 8.31
C PRO A 213 -19.49 -16.84 7.58
N GLN A 214 -18.91 -15.64 7.61
CA GLN A 214 -17.58 -15.47 7.01
C GLN A 214 -16.48 -15.99 7.88
N ILE A 215 -16.80 -16.40 9.11
CA ILE A 215 -15.74 -16.76 10.08
C ILE A 215 -15.86 -18.21 10.54
N PRO A 216 -14.92 -19.08 10.12
CA PRO A 216 -14.97 -20.50 10.48
C PRO A 216 -15.08 -20.69 12.01
N ALA A 217 -14.41 -19.83 12.80
CA ALA A 217 -14.50 -19.94 14.25
C ALA A 217 -15.94 -19.73 14.78
N GLY A 218 -16.77 -19.09 14.02
CA GLY A 218 -18.17 -18.93 14.38
C GLY A 218 -18.44 -17.86 15.44
N ARG A 219 -17.44 -17.02 15.72
CA ARG A 219 -17.57 -15.93 16.71
C ARG A 219 -16.68 -14.77 16.24
N LEU A 220 -16.92 -13.60 16.79
CA LEU A 220 -16.03 -12.48 16.65
C LEU A 220 -14.76 -12.70 17.48
N GLY A 221 -13.64 -12.14 17.02
CA GLY A 221 -12.47 -12.06 17.80
C GLY A 221 -12.62 -11.09 18.97
N LYS A 222 -11.90 -11.34 20.04
CA LYS A 222 -11.86 -10.35 21.13
C LYS A 222 -10.68 -9.40 20.96
N PRO A 223 -10.88 -8.11 21.26
CA PRO A 223 -9.77 -7.20 21.15
C PRO A 223 -8.59 -7.68 22.03
N GLU A 224 -8.90 -8.21 23.20
CA GLU A 224 -7.89 -8.83 24.13
C GLU A 224 -7.02 -9.88 23.48
N GLU A 225 -7.61 -10.70 22.62
CA GLU A 225 -6.88 -11.75 21.90
C GLU A 225 -5.86 -11.12 20.96
N VAL A 226 -6.23 -10.07 20.23
CA VAL A 226 -5.31 -9.42 19.30
C VAL A 226 -4.20 -8.74 20.09
N ALA A 227 -4.59 -8.12 21.22
CA ALA A 227 -3.62 -7.49 22.10
C ALA A 227 -2.57 -8.52 22.64
N ALA A 228 -2.97 -9.74 22.91
CA ALA A 228 -2.03 -10.80 23.34
C ALA A 228 -1.00 -11.12 22.29
N LEU A 229 -1.43 -11.13 21.03
CA LEU A 229 -0.46 -11.24 19.92
C LEU A 229 0.53 -10.09 19.77
N VAL A 230 0.05 -8.86 19.82
CA VAL A 230 0.92 -7.70 19.86
C VAL A 230 1.92 -7.77 21.01
N ALA A 231 1.45 -8.11 22.22
CA ALA A 231 2.32 -8.29 23.35
C ALA A 231 3.41 -9.32 23.07
N TYR A 232 3.05 -10.49 22.49
CA TYR A 232 4.00 -11.50 22.02
C TYR A 232 5.06 -10.90 21.08
N LEU A 233 4.62 -10.17 20.07
CA LEU A 233 5.59 -9.57 19.13
C LEU A 233 6.48 -8.53 19.80
N CYS A 234 5.95 -7.81 20.82
CA CYS A 234 6.74 -6.79 21.48
C CYS A 234 7.70 -7.39 22.54
N SER A 235 7.58 -8.68 22.80
CA SER A 235 8.39 -9.32 23.83
C SER A 235 9.86 -9.55 23.50
N GLU A 236 10.62 -9.82 24.55
CA GLU A 236 12.07 -9.98 24.43
C GLU A 236 12.38 -11.23 23.60
N GLU A 237 11.50 -12.24 23.65
CA GLU A 237 11.73 -13.57 22.98
C GLU A 237 11.19 -13.64 21.55
N ALA A 238 10.59 -12.54 21.06
CA ALA A 238 10.17 -12.49 19.66
C ALA A 238 11.16 -11.79 18.72
N GLY A 239 12.44 -11.76 19.06
CA GLY A 239 13.42 -11.04 18.27
C GLY A 239 13.78 -11.57 16.89
N PHE A 240 13.40 -12.82 16.57
CA PHE A 240 13.69 -13.45 15.32
C PHE A 240 12.50 -13.42 14.38
N VAL A 241 11.43 -12.78 14.79
CA VAL A 241 10.25 -12.62 13.91
C VAL A 241 10.36 -11.18 13.39
N THR A 242 10.52 -11.04 12.09
CA THR A 242 10.62 -9.73 11.47
C THR A 242 10.20 -9.81 10.01
N GLY A 243 9.50 -8.75 9.57
CA GLY A 243 8.90 -8.64 8.25
C GLY A 243 7.68 -9.49 8.01
N SER A 244 7.06 -10.04 9.04
CA SER A 244 5.95 -10.95 8.92
C SER A 244 4.61 -10.20 8.95
N ASN A 245 3.56 -10.87 8.52
CA ASN A 245 2.18 -10.41 8.56
C ASN A 245 1.33 -11.54 9.14
N ILE A 246 0.99 -11.40 10.43
CA ILE A 246 0.37 -12.46 11.13
C ILE A 246 -1.13 -12.23 11.11
N ALA A 247 -1.84 -13.21 10.58
CA ALA A 247 -3.30 -13.21 10.52
C ALA A 247 -3.96 -13.70 11.77
N ILE A 248 -4.94 -12.93 12.27
CA ILE A 248 -5.68 -13.32 13.49
C ILE A 248 -7.17 -13.00 13.16
N ASN A 249 -7.76 -13.96 12.43
CA ASN A 249 -9.06 -13.78 11.82
C ASN A 249 -10.09 -14.93 11.90
N GLY A 250 -9.87 -15.86 12.81
CA GLY A 250 -10.83 -16.96 13.03
C GLY A 250 -10.97 -17.87 11.83
N GLY A 251 -9.98 -17.79 10.95
CA GLY A 251 -10.01 -18.57 9.76
C GLY A 251 -10.72 -17.90 8.60
N GLN A 252 -11.08 -16.64 8.75
CA GLN A 252 -11.78 -15.91 7.68
C GLN A 252 -11.01 -15.86 6.33
N HIS A 253 -9.69 -15.77 6.38
CA HIS A 253 -8.86 -15.75 5.19
C HIS A 253 -7.60 -16.54 5.50
N MET A 254 -7.20 -17.37 4.55
CA MET A 254 -5.96 -18.14 4.67
C MET A 254 -5.28 -18.09 3.32
N HIS A 255 -3.97 -18.28 3.29
CA HIS A 255 -3.25 -18.30 2.00
C HIS A 255 -2.01 -19.17 1.96
N LYS B 11 -10.62 -2.52 -32.62
CA LYS B 11 -11.76 -2.77 -31.68
C LYS B 11 -11.42 -2.18 -30.27
N ARG B 12 -10.45 -2.65 -29.48
CA ARG B 12 -10.32 -2.10 -28.11
C ARG B 12 -9.36 -0.93 -28.08
N ILE B 13 -9.63 0.02 -27.17
CA ILE B 13 -8.83 1.23 -26.96
C ILE B 13 -8.14 1.11 -25.60
N ALA B 14 -6.80 1.26 -25.61
CA ALA B 14 -6.01 1.06 -24.41
C ALA B 14 -5.27 2.32 -24.07
N VAL B 15 -5.22 2.64 -22.76
CA VAL B 15 -4.44 3.75 -22.23
C VAL B 15 -3.29 3.20 -21.39
N VAL B 16 -2.06 3.66 -21.66
CA VAL B 16 -0.88 3.25 -20.94
C VAL B 16 -0.18 4.47 -20.36
N THR B 17 -0.20 4.61 -19.04
CA THR B 17 0.42 5.74 -18.44
C THR B 17 1.91 5.56 -18.48
N GLY B 18 2.62 6.66 -18.68
CA GLY B 18 4.09 6.63 -18.88
C GLY B 18 4.40 5.73 -20.10
N GLY B 19 3.53 5.73 -21.10
CA GLY B 19 3.65 4.79 -22.22
C GLY B 19 4.71 5.10 -23.25
N MET B 20 5.45 6.21 -23.11
CA MET B 20 6.44 6.56 -24.12
C MET B 20 7.87 6.24 -23.82
N GLY B 21 8.17 5.54 -22.77
CA GLY B 21 9.57 5.24 -22.44
C GLY B 21 9.61 3.95 -21.63
N GLY B 22 10.81 3.38 -21.46
CA GLY B 22 11.06 2.13 -20.74
C GLY B 22 10.01 1.03 -20.87
N LEU B 23 9.60 0.49 -19.75
CA LEU B 23 8.62 -0.56 -19.78
C LEU B 23 7.33 -0.12 -20.50
N GLY B 24 6.86 1.09 -20.14
CA GLY B 24 5.73 1.80 -20.80
C GLY B 24 5.62 1.65 -22.30
N GLU B 25 6.67 2.06 -22.97
CA GLU B 25 6.86 1.89 -24.39
C GLU B 25 6.76 0.45 -24.87
N ALA B 26 7.41 -0.52 -24.20
CA ALA B 26 7.27 -1.93 -24.61
C ALA B 26 5.85 -2.38 -24.53
N VAL B 27 5.16 -1.96 -23.47
CA VAL B 27 3.78 -2.31 -23.30
C VAL B 27 2.92 -1.69 -24.45
N SER B 28 3.06 -0.39 -24.70
CA SER B 28 2.32 0.30 -25.76
C SER B 28 2.53 -0.38 -27.14
N ILE B 29 3.78 -0.70 -27.45
CA ILE B 29 4.11 -1.39 -28.72
C ILE B 29 3.46 -2.75 -28.82
N ARG B 30 3.53 -3.53 -27.75
CA ARG B 30 2.95 -4.85 -27.77
C ARG B 30 1.42 -4.80 -27.89
N LEU B 31 0.81 -3.89 -27.17
CA LEU B 31 -0.64 -3.75 -27.26
C LEU B 31 -1.08 -3.30 -28.63
N ASN B 32 -0.29 -2.41 -29.24
CA ASN B 32 -0.54 -2.02 -30.58
C ASN B 32 -0.48 -3.21 -31.51
N ASP B 33 0.61 -4.00 -31.40
CA ASP B 33 0.78 -5.17 -32.27
C ASP B 33 -0.24 -6.28 -32.04
N ALA B 34 -0.90 -6.28 -30.88
CA ALA B 34 -1.99 -7.21 -30.57
C ALA B 34 -3.24 -6.74 -31.26
N GLY B 35 -3.25 -5.53 -31.74
CA GLY B 35 -4.39 -5.04 -32.48
C GLY B 35 -5.19 -3.95 -31.79
N HIS B 36 -4.76 -3.49 -30.62
CA HIS B 36 -5.46 -2.47 -29.88
C HIS B 36 -5.09 -1.08 -30.41
N ARG B 37 -5.97 -0.11 -30.21
CA ARG B 37 -5.66 1.30 -30.41
C ARG B 37 -5.10 1.88 -29.13
N VAL B 38 -3.84 2.29 -29.21
CA VAL B 38 -3.15 2.69 -28.05
C VAL B 38 -2.92 4.20 -27.91
N VAL B 39 -3.27 4.61 -26.69
CA VAL B 39 -3.07 5.99 -26.22
C VAL B 39 -2.09 5.98 -25.08
N VAL B 40 -1.08 6.84 -25.15
CA VAL B 40 -0.13 6.96 -24.04
C VAL B 40 -0.27 8.30 -23.31
N THR B 41 0.15 8.29 -22.06
CA THR B 41 0.25 9.54 -21.31
C THR B 41 1.67 9.85 -20.95
N TYR B 42 1.97 11.13 -20.84
CA TYR B 42 3.33 11.55 -20.48
C TYR B 42 3.24 12.74 -19.55
N SER B 43 4.22 12.93 -18.68
CA SER B 43 4.29 14.15 -17.86
C SER B 43 4.42 15.46 -18.66
N PRO B 44 3.74 16.56 -18.24
CA PRO B 44 3.99 17.84 -18.94
C PRO B 44 5.45 18.22 -19.08
N ASN B 45 6.35 17.67 -18.27
CA ASN B 45 7.75 18.12 -18.32
C ASN B 45 8.49 17.46 -19.49
N ASN B 46 7.96 16.37 -20.00
CA ASN B 46 8.55 15.62 -21.10
C ASN B 46 8.32 16.28 -22.48
N THR B 47 9.40 16.77 -23.08
CA THR B 47 9.32 17.46 -24.37
C THR B 47 9.35 16.57 -25.64
N GLY B 48 9.49 15.27 -25.46
CA GLY B 48 9.74 14.39 -26.58
C GLY B 48 8.51 13.75 -27.22
N ALA B 49 7.29 14.19 -26.93
CA ALA B 49 6.14 13.44 -27.50
C ALA B 49 6.02 13.48 -29.06
N ASP B 50 6.36 14.61 -29.66
CA ASP B 50 6.45 14.71 -31.13
C ASP B 50 7.58 13.89 -31.76
N ARG B 51 8.80 13.97 -31.26
CA ARG B 51 9.87 13.02 -31.66
C ARG B 51 9.45 11.56 -31.45
N TRP B 52 8.74 11.26 -30.37
CA TRP B 52 8.42 9.85 -30.13
C TRP B 52 7.38 9.36 -31.14
N LEU B 53 6.34 10.16 -31.35
CA LEU B 53 5.24 9.77 -32.26
C LEU B 53 5.74 9.64 -33.70
N THR B 54 6.66 10.52 -34.11
CA THR B 54 7.34 10.35 -35.40
C THR B 54 8.20 9.05 -35.40
N GLU B 55 9.08 8.83 -34.41
CA GLU B 55 9.87 7.59 -34.38
C GLU B 55 8.88 6.43 -34.53
N MET B 56 7.77 6.47 -33.80
CA MET B 56 6.83 5.31 -33.79
C MET B 56 6.12 5.13 -35.14
N HIS B 57 5.64 6.23 -35.71
CA HIS B 57 5.13 6.29 -37.11
C HIS B 57 6.14 5.72 -38.14
N ALA B 58 7.44 6.04 -37.99
CA ALA B 58 8.53 5.47 -38.83
C ALA B 58 8.65 3.96 -38.80
N ALA B 59 8.47 3.33 -37.63
CA ALA B 59 8.41 1.90 -37.55
C ALA B 59 6.98 1.43 -37.85
N GLY B 60 6.11 2.36 -38.22
CA GLY B 60 4.76 1.97 -38.65
C GLY B 60 3.75 1.65 -37.58
N ARG B 61 3.73 2.44 -36.50
CA ARG B 61 2.74 2.26 -35.44
C ARG B 61 2.05 3.56 -35.23
N GLU B 62 0.72 3.59 -35.21
CA GLU B 62 -0.03 4.87 -35.01
C GLU B 62 -0.45 4.99 -33.52
N PHE B 63 0.05 5.98 -32.79
CA PHE B 63 -0.36 6.21 -31.40
C PHE B 63 -1.01 7.53 -31.24
N HIS B 64 -1.75 7.73 -30.15
CA HIS B 64 -1.97 9.09 -29.68
C HIS B 64 -1.20 9.25 -28.36
N ALA B 65 -0.97 10.51 -27.96
CA ALA B 65 -0.27 10.84 -26.77
C ALA B 65 -0.85 12.06 -26.06
N TYR B 66 -1.09 11.98 -24.76
CA TYR B 66 -1.69 13.10 -24.03
C TYR B 66 -0.79 13.42 -22.83
N PRO B 67 -0.64 14.70 -22.51
CA PRO B 67 -0.01 15.10 -21.26
C PRO B 67 -0.93 14.97 -20.03
N VAL B 68 -0.38 14.50 -18.90
CA VAL B 68 -1.14 14.45 -17.67
C VAL B 68 -0.16 14.44 -16.46
N ASP B 69 -0.69 14.80 -15.30
CA ASP B 69 -0.02 14.69 -14.05
C ASP B 69 -0.81 13.62 -13.31
N VAL B 70 -0.35 12.37 -13.34
CA VAL B 70 -1.10 11.26 -12.72
C VAL B 70 -1.29 11.48 -11.25
N ALA B 71 -0.47 12.33 -10.63
CA ALA B 71 -0.65 12.60 -9.18
C ALA B 71 -1.84 13.54 -8.88
N ASP B 72 -2.40 14.18 -9.91
CA ASP B 72 -3.43 15.18 -9.72
C ASP B 72 -4.76 14.66 -10.25
N HIS B 73 -5.75 14.61 -9.39
CA HIS B 73 -7.04 14.02 -9.73
C HIS B 73 -7.70 14.69 -10.98
N ASP B 74 -7.77 16.02 -10.96
CA ASP B 74 -8.49 16.78 -11.98
C ASP B 74 -7.77 16.69 -13.27
N SER B 75 -6.44 16.60 -13.24
CA SER B 75 -5.65 16.48 -14.47
C SER B 75 -6.00 15.18 -15.14
N CYS B 76 -6.08 14.07 -14.36
CA CYS B 76 -6.49 12.83 -14.91
C CYS B 76 -7.92 12.81 -15.46
N GLN B 77 -8.90 13.38 -14.73
CA GLN B 77 -10.32 13.39 -15.22
C GLN B 77 -10.32 14.08 -16.59
N GLN B 78 -9.66 15.21 -16.68
CA GLN B 78 -9.55 16.02 -17.94
C GLN B 78 -8.95 15.26 -19.09
N CYS B 79 -7.77 14.68 -18.84
CA CYS B 79 -7.04 13.91 -19.83
C CYS B 79 -7.94 12.78 -20.41
N ILE B 80 -8.56 12.00 -19.51
CA ILE B 80 -9.45 10.91 -19.92
C ILE B 80 -10.67 11.46 -20.68
N GLU B 81 -11.23 12.55 -20.24
CA GLU B 81 -12.29 13.19 -21.07
C GLU B 81 -11.82 13.49 -22.49
N LYS B 82 -10.62 14.08 -22.65
CA LYS B 82 -10.11 14.42 -23.96
C LYS B 82 -9.96 13.16 -24.79
N ILE B 83 -9.47 12.07 -24.16
CA ILE B 83 -9.20 10.84 -24.90
C ILE B 83 -10.47 10.20 -25.42
N VAL B 84 -11.49 10.21 -24.58
CA VAL B 84 -12.78 9.71 -24.96
C VAL B 84 -13.39 10.58 -26.09
N ARG B 85 -13.17 11.88 -26.02
CA ARG B 85 -13.67 12.81 -27.08
C ARG B 85 -12.98 12.52 -28.42
N ASP B 86 -11.66 12.48 -28.38
CA ASP B 86 -10.80 12.43 -29.55
C ASP B 86 -10.62 11.04 -30.09
N VAL B 87 -10.62 9.99 -29.26
CA VAL B 87 -10.25 8.65 -29.71
C VAL B 87 -11.44 7.71 -29.47
N GLY B 88 -11.95 7.67 -28.24
CA GLY B 88 -13.17 6.90 -27.97
C GLY B 88 -13.08 6.27 -26.59
N PRO B 89 -14.10 5.48 -26.23
CA PRO B 89 -14.15 4.98 -24.84
C PRO B 89 -12.99 4.04 -24.46
N VAL B 90 -12.50 4.18 -23.24
CA VAL B 90 -11.36 3.36 -22.74
C VAL B 90 -11.80 1.94 -22.35
N ASP B 91 -11.29 0.94 -23.06
CA ASP B 91 -11.54 -0.45 -22.73
C ASP B 91 -10.47 -1.07 -21.76
N ILE B 92 -9.23 -0.56 -21.84
CA ILE B 92 -8.07 -1.12 -21.22
C ILE B 92 -7.26 0.00 -20.62
N LEU B 93 -6.83 -0.20 -19.37
CA LEU B 93 -5.94 0.76 -18.76
C LEU B 93 -4.79 0.03 -18.12
N VAL B 94 -3.58 0.43 -18.44
CA VAL B 94 -2.37 0.00 -17.76
C VAL B 94 -1.75 1.15 -16.99
N ASN B 95 -1.83 1.08 -15.66
CA ASN B 95 -1.27 2.05 -14.74
C ASN B 95 0.20 1.65 -14.52
N ASN B 96 1.02 2.32 -15.33
CA ASN B 96 2.41 2.07 -15.38
C ASN B 96 3.24 3.23 -14.87
N ALA B 97 2.70 4.44 -14.86
CA ALA B 97 3.47 5.61 -14.36
C ALA B 97 3.92 5.35 -12.92
N GLY B 98 5.11 5.87 -12.56
CA GLY B 98 5.71 5.57 -11.26
C GLY B 98 7.14 6.09 -11.20
N ILE B 99 7.58 6.55 -10.05
CA ILE B 99 8.97 7.00 -9.86
C ILE B 99 9.57 6.28 -8.64
N THR B 100 10.88 6.41 -8.45
CA THR B 100 11.52 6.06 -7.19
C THR B 100 12.22 7.29 -6.59
N ARG B 101 12.26 7.33 -5.25
CA ARG B 101 13.09 8.31 -4.52
CA ARG B 101 13.08 8.32 -4.49
C ARG B 101 13.70 7.51 -3.35
N ASP B 102 14.70 6.70 -3.68
CA ASP B 102 15.23 5.72 -2.73
C ASP B 102 16.07 6.40 -1.69
N MET B 103 15.78 6.09 -0.44
CA MET B 103 16.47 6.65 0.73
CA MET B 103 16.50 6.60 0.70
C MET B 103 16.09 5.73 1.90
N THR B 104 17.02 5.32 2.72
CA THR B 104 16.64 4.64 3.96
C THR B 104 15.68 5.53 4.77
N LEU B 105 14.92 4.92 5.67
CA LEU B 105 13.87 5.63 6.42
C LEU B 105 14.57 6.75 7.23
N ARG B 106 15.70 6.43 7.83
CA ARG B 106 16.50 7.42 8.62
C ARG B 106 16.86 8.71 7.83
N LYS B 107 17.07 8.62 6.50
CA LYS B 107 17.43 9.78 5.63
C LYS B 107 16.21 10.26 4.80
N LEU B 108 15.07 9.54 4.85
CA LEU B 108 13.94 9.83 3.98
C LEU B 108 13.09 10.98 4.58
N ASP B 109 12.85 12.01 3.80
CA ASP B 109 12.02 13.12 4.29
C ASP B 109 10.62 13.06 3.69
N LYS B 110 9.73 13.84 4.26
CA LYS B 110 8.31 13.81 3.91
C LYS B 110 8.12 14.14 2.46
N VAL B 111 8.95 15.03 1.90
CA VAL B 111 8.86 15.43 0.51
C VAL B 111 8.97 14.20 -0.42
N ASN B 112 9.98 13.39 -0.16
CA ASN B 112 10.22 12.22 -0.98
C ASN B 112 9.34 10.99 -0.64
N TRP B 113 8.85 10.89 0.60
CA TRP B 113 7.80 9.98 0.92
C TRP B 113 6.58 10.32 0.03
N ASP B 114 6.10 11.55 0.16
CA ASP B 114 4.97 12.02 -0.64
C ASP B 114 5.09 11.90 -2.11
N ALA B 115 6.24 12.23 -2.67
CA ALA B 115 6.39 12.19 -4.14
C ALA B 115 6.09 10.77 -4.68
N VAL B 116 6.53 9.77 -3.93
CA VAL B 116 6.37 8.41 -4.32
C VAL B 116 4.94 7.92 -4.08
N ILE B 117 4.38 8.21 -2.92
CA ILE B 117 3.01 7.77 -2.68
C ILE B 117 2.04 8.43 -3.68
N ARG B 118 2.17 9.74 -3.89
CA ARG B 118 1.26 10.46 -4.78
C ARG B 118 1.42 10.02 -6.23
N THR B 119 2.67 9.88 -6.69
CA THR B 119 2.87 9.51 -8.09
C THR B 119 2.53 8.02 -8.37
N ASN B 120 2.79 7.17 -7.38
CA ASN B 120 2.77 5.75 -7.62
C ASN B 120 1.49 5.07 -7.17
N LEU B 121 0.87 5.61 -6.11
CA LEU B 121 -0.39 5.02 -5.59
C LEU B 121 -1.61 5.90 -5.79
N ASP B 122 -1.50 7.19 -5.49
CA ASP B 122 -2.67 8.09 -5.78
C ASP B 122 -3.03 8.01 -7.26
N SER B 123 -2.01 7.93 -8.10
CA SER B 123 -2.19 7.72 -9.54
C SER B 123 -3.17 6.64 -9.94
N VAL B 124 -3.21 5.55 -9.17
CA VAL B 124 -4.08 4.42 -9.44
C VAL B 124 -5.53 4.83 -9.27
N PHE B 125 -5.82 5.48 -8.15
CA PHE B 125 -7.19 6.06 -7.94
C PHE B 125 -7.53 7.04 -9.09
N ASN B 126 -6.61 7.98 -9.37
CA ASN B 126 -6.86 9.16 -10.22
C ASN B 126 -7.12 8.72 -11.65
N MET B 127 -6.35 7.72 -12.14
CA MET B 127 -6.50 7.21 -13.51
C MET B 127 -7.63 6.18 -13.69
N THR B 128 -7.84 5.35 -12.67
CA THR B 128 -8.81 4.26 -12.75
C THR B 128 -10.28 4.71 -12.55
N LYS B 129 -10.52 5.62 -11.61
CA LYS B 129 -11.84 6.06 -11.34
C LYS B 129 -12.51 6.57 -12.63
N PRO B 130 -11.82 7.40 -13.44
CA PRO B 130 -12.64 7.95 -14.57
C PRO B 130 -12.95 6.97 -15.68
N VAL B 131 -12.38 5.77 -15.68
CA VAL B 131 -12.61 4.81 -16.76
C VAL B 131 -13.55 3.67 -16.42
N CYS B 132 -13.79 3.41 -15.16
CA CYS B 132 -14.51 2.22 -14.75
C CYS B 132 -15.96 2.19 -15.15
N ASP B 133 -16.67 3.32 -15.05
CA ASP B 133 -18.12 3.34 -15.28
C ASP B 133 -18.38 2.93 -16.71
N GLY B 134 -17.57 3.38 -17.67
CA GLY B 134 -17.79 2.92 -19.04
C GLY B 134 -17.56 1.44 -19.22
N MET B 135 -16.49 0.89 -18.64
CA MET B 135 -16.22 -0.52 -18.83
C MET B 135 -17.35 -1.34 -18.24
N VAL B 136 -17.83 -0.95 -17.07
CA VAL B 136 -18.95 -1.62 -16.42
C VAL B 136 -20.21 -1.54 -17.26
N GLU B 137 -20.52 -0.32 -17.73
CA GLU B 137 -21.65 -0.13 -18.64
C GLU B 137 -21.57 -0.97 -19.92
N ARG B 138 -20.41 -1.16 -20.52
CA ARG B 138 -20.33 -2.04 -21.69
C ARG B 138 -20.15 -3.51 -21.35
N GLY B 139 -19.92 -3.82 -20.08
CA GLY B 139 -19.68 -5.22 -19.65
C GLY B 139 -18.36 -5.83 -20.06
N TRP B 140 -17.33 -4.99 -20.22
CA TRP B 140 -15.98 -5.47 -20.55
C TRP B 140 -14.92 -4.44 -20.24
N GLY B 141 -13.88 -4.86 -19.55
CA GLY B 141 -12.73 -3.99 -19.24
C GLY B 141 -11.55 -4.80 -18.72
N ARG B 142 -10.35 -4.20 -18.84
CA ARG B 142 -9.17 -4.78 -18.32
C ARG B 142 -8.38 -3.62 -17.72
N ILE B 143 -8.03 -3.77 -16.45
CA ILE B 143 -7.19 -2.78 -15.75
C ILE B 143 -5.96 -3.58 -15.25
N VAL B 144 -4.74 -3.09 -15.56
CA VAL B 144 -3.48 -3.84 -15.15
C VAL B 144 -2.65 -2.81 -14.44
N ASN B 145 -2.32 -3.10 -13.18
CA ASN B 145 -1.51 -2.27 -12.35
C ASN B 145 -0.08 -2.79 -12.28
N ILE B 146 0.89 -1.95 -12.64
CA ILE B 146 2.26 -2.44 -12.79
C ILE B 146 2.91 -2.07 -11.45
N SER B 147 3.23 -3.12 -10.71
CA SER B 147 3.89 -3.04 -9.40
C SER B 147 5.38 -3.34 -9.51
N SER B 148 5.92 -4.14 -8.58
CA SER B 148 7.33 -4.48 -8.55
C SER B 148 7.54 -5.64 -7.56
N VAL B 149 8.53 -6.46 -7.85
CA VAL B 149 8.98 -7.45 -6.92
C VAL B 149 9.28 -6.85 -5.51
N ASN B 150 9.68 -5.56 -5.45
CA ASN B 150 9.96 -4.93 -4.18
C ASN B 150 8.73 -4.58 -3.35
N GLY B 151 7.59 -4.49 -4.01
CA GLY B 151 6.30 -4.54 -3.30
C GLY B 151 6.07 -5.87 -2.53
N SER B 152 6.37 -7.00 -3.14
CA SER B 152 6.26 -8.29 -2.48
C SER B 152 7.30 -8.56 -1.45
N LYS B 153 8.58 -8.25 -1.79
CA LYS B 153 9.68 -8.61 -1.01
C LYS B 153 10.10 -7.52 0.04
N GLY B 154 9.78 -6.27 -0.22
CA GLY B 154 10.44 -5.16 0.51
C GLY B 154 11.78 -4.91 -0.12
N SER B 155 12.35 -3.74 0.15
CA SER B 155 13.72 -3.48 -0.28
C SER B 155 14.30 -2.35 0.51
N VAL B 156 15.56 -2.47 0.81
CA VAL B 156 16.28 -1.43 1.57
CA VAL B 156 16.25 -1.43 1.55
C VAL B 156 16.19 -0.11 0.77
N GLY B 157 15.95 0.98 1.47
CA GLY B 157 15.78 2.27 0.80
C GLY B 157 14.45 2.49 0.11
N GLN B 158 13.52 1.57 0.28
CA GLN B 158 12.25 1.65 -0.40
C GLN B 158 11.05 1.50 0.52
N THR B 159 11.09 2.15 1.67
CA THR B 159 9.88 2.14 2.53
C THR B 159 8.71 2.83 1.73
N ASN B 160 9.05 3.88 0.95
CA ASN B 160 8.07 4.65 0.18
C ASN B 160 7.60 3.86 -1.03
N TYR B 161 8.57 3.34 -1.77
CA TYR B 161 8.25 2.63 -3.00
C TYR B 161 7.51 1.32 -2.76
N ALA B 162 7.94 0.52 -1.77
CA ALA B 162 7.27 -0.75 -1.49
C ALA B 162 5.90 -0.47 -0.87
N ALA B 163 5.74 0.59 -0.04
CA ALA B 163 4.41 0.96 0.45
C ALA B 163 3.49 1.31 -0.70
N ALA B 164 3.96 2.11 -1.65
CA ALA B 164 3.11 2.44 -2.78
C ALA B 164 2.76 1.22 -3.62
N LYS B 165 3.77 0.41 -3.92
CA LYS B 165 3.56 -0.77 -4.84
C LYS B 165 2.74 -1.87 -4.20
N ALA B 166 2.92 -2.10 -2.91
CA ALA B 166 2.05 -3.04 -2.20
C ALA B 166 0.61 -2.47 -2.07
N GLY B 167 0.51 -1.17 -1.88
CA GLY B 167 -0.80 -0.54 -1.83
C GLY B 167 -1.52 -0.73 -3.11
N MET B 168 -0.83 -0.65 -4.24
CA MET B 168 -1.43 -0.84 -5.55
C MET B 168 -2.17 -2.18 -5.64
N HIS B 169 -1.59 -3.25 -5.04
CA HIS B 169 -2.23 -4.56 -5.09
C HIS B 169 -3.39 -4.63 -4.13
N GLY B 170 -3.35 -3.89 -3.04
CA GLY B 170 -4.61 -3.76 -2.22
C GLY B 170 -5.76 -3.14 -2.98
N PHE B 171 -5.41 -2.13 -3.78
CA PHE B 171 -6.37 -1.49 -4.68
C PHE B 171 -6.89 -2.50 -5.66
N THR B 172 -5.98 -3.24 -6.29
CA THR B 172 -6.38 -4.25 -7.28
C THR B 172 -7.46 -5.19 -6.74
N LYS B 173 -7.23 -5.71 -5.56
CA LYS B 173 -8.12 -6.70 -4.94
C LYS B 173 -9.47 -6.15 -4.64
N SER B 174 -9.52 -5.00 -3.96
CA SER B 174 -10.81 -4.39 -3.68
C SER B 174 -11.59 -4.01 -4.93
N LEU B 175 -10.94 -3.41 -5.93
CA LEU B 175 -11.67 -3.05 -7.15
C LEU B 175 -12.16 -4.31 -7.87
N ALA B 176 -11.32 -5.32 -7.89
CA ALA B 176 -11.62 -6.54 -8.56
C ALA B 176 -12.91 -7.12 -8.00
N LEU B 177 -13.09 -7.05 -6.69
CA LEU B 177 -14.30 -7.53 -6.03
C LEU B 177 -15.52 -6.68 -6.39
N GLU B 178 -15.33 -5.37 -6.59
CA GLU B 178 -16.44 -4.47 -6.88
C GLU B 178 -17.05 -4.70 -8.27
N ILE B 179 -16.24 -5.08 -9.22
CA ILE B 179 -16.65 -5.03 -10.60
C ILE B 179 -16.43 -6.29 -11.42
N ALA B 180 -15.96 -7.35 -10.81
CA ALA B 180 -15.80 -8.65 -11.49
C ALA B 180 -17.07 -9.11 -12.19
N ARG B 181 -18.18 -8.94 -11.50
CA ARG B 181 -19.46 -9.44 -12.04
C ARG B 181 -19.93 -8.74 -13.29
N LYS B 182 -19.31 -7.59 -13.61
CA LYS B 182 -19.66 -6.82 -14.78
C LYS B 182 -18.70 -7.04 -15.91
N GLY B 183 -17.82 -8.04 -15.83
CA GLY B 183 -16.94 -8.35 -16.96
C GLY B 183 -15.63 -7.58 -17.02
N VAL B 184 -15.29 -6.92 -15.92
CA VAL B 184 -14.02 -6.13 -15.81
C VAL B 184 -13.06 -6.85 -14.92
N THR B 185 -11.82 -7.07 -15.41
CA THR B 185 -10.80 -7.72 -14.59
C THR B 185 -9.82 -6.62 -14.14
N VAL B 186 -9.25 -6.85 -13.00
CA VAL B 186 -8.24 -5.95 -12.37
C VAL B 186 -7.12 -6.84 -11.84
N ASN B 187 -5.89 -6.62 -12.31
CA ASN B 187 -4.76 -7.49 -11.96
C ASN B 187 -3.52 -6.65 -11.78
N THR B 188 -2.64 -7.20 -10.97
CA THR B 188 -1.33 -6.61 -10.73
C THR B 188 -0.25 -7.51 -11.41
N VAL B 189 0.77 -6.85 -11.95
CA VAL B 189 1.96 -7.50 -12.49
C VAL B 189 3.17 -6.96 -11.75
N SER B 190 4.01 -7.86 -11.22
CA SER B 190 5.17 -7.46 -10.39
C SER B 190 6.49 -7.90 -11.04
N PRO B 191 7.10 -7.06 -11.86
CA PRO B 191 8.35 -7.44 -12.53
C PRO B 191 9.53 -7.41 -11.59
N GLY B 192 10.57 -8.22 -11.86
CA GLY B 192 11.85 -8.09 -11.16
C GLY B 192 12.79 -7.16 -11.94
N TYR B 193 14.07 -7.48 -11.98
CA TYR B 193 15.03 -6.63 -12.67
C TYR B 193 14.92 -6.74 -14.17
N LEU B 194 14.73 -5.60 -14.83
CA LEU B 194 14.62 -5.50 -16.28
C LEU B 194 15.80 -4.73 -16.89
N ALA B 195 16.10 -5.06 -18.13
CA ALA B 195 17.06 -4.29 -18.93
C ALA B 195 16.40 -3.01 -19.39
N THR B 196 16.42 -1.95 -18.60
CA THR B 196 15.93 -0.65 -19.01
C THR B 196 17.07 0.30 -18.67
N LYS B 197 17.07 1.53 -19.19
CA LYS B 197 18.13 2.58 -18.91
C LYS B 197 18.67 2.75 -17.42
N MET B 198 17.81 2.61 -16.41
CA MET B 198 18.18 2.80 -14.97
C MET B 198 19.06 1.63 -14.50
N VAL B 199 18.66 0.40 -14.87
CA VAL B 199 19.33 -0.86 -14.50
C VAL B 199 20.60 -1.15 -15.34
N THR B 200 20.55 -0.78 -16.62
CA THR B 200 21.65 -1.05 -17.58
C THR B 200 22.88 -0.12 -17.37
N ALA B 201 22.64 1.06 -16.73
CA ALA B 201 23.70 2.05 -16.30
C ALA B 201 24.52 1.68 -15.03
N ILE B 202 24.02 0.69 -14.29
CA ILE B 202 24.72 0.20 -13.14
C ILE B 202 26.13 -0.27 -13.63
N PRO B 203 27.20 0.09 -12.91
CA PRO B 203 28.56 -0.47 -13.29
C PRO B 203 28.50 -1.99 -13.52
N GLN B 204 29.16 -2.48 -14.55
CA GLN B 204 29.12 -3.91 -14.91
C GLN B 204 29.44 -4.84 -13.76
N ASP B 205 30.42 -4.48 -12.94
CA ASP B 205 30.79 -5.37 -11.85
C ASP B 205 29.65 -5.53 -10.85
N ILE B 206 28.91 -4.44 -10.57
CA ILE B 206 27.70 -4.54 -9.67
C ILE B 206 26.59 -5.41 -10.29
N LEU B 207 26.34 -5.25 -11.58
CA LEU B 207 25.42 -6.16 -12.26
C LEU B 207 25.86 -7.60 -12.04
N ASP B 208 27.12 -7.89 -12.22
CA ASP B 208 27.57 -9.26 -12.24
C ASP B 208 27.68 -9.88 -10.85
N THR B 209 28.02 -9.07 -9.84
CA THR B 209 28.31 -9.62 -8.48
C THR B 209 27.27 -9.27 -7.46
N LYS B 210 26.38 -8.34 -7.76
CA LYS B 210 25.28 -8.02 -6.86
C LYS B 210 23.88 -8.29 -7.38
N ILE B 211 23.60 -7.89 -8.60
CA ILE B 211 22.22 -7.96 -9.12
C ILE B 211 21.95 -9.36 -9.67
N LEU B 212 22.77 -9.79 -10.66
CA LEU B 212 22.48 -11.08 -11.29
C LEU B 212 22.47 -12.28 -10.32
N PRO B 213 23.37 -12.29 -9.30
CA PRO B 213 23.26 -13.41 -8.36
C PRO B 213 21.91 -13.52 -7.60
N GLN B 214 21.15 -12.43 -7.55
CA GLN B 214 19.82 -12.50 -6.93
C GLN B 214 18.75 -13.15 -7.85
N ILE B 215 19.08 -13.43 -9.13
CA ILE B 215 18.13 -13.89 -10.14
C ILE B 215 18.47 -15.31 -10.65
N PRO B 216 17.65 -16.34 -10.24
CA PRO B 216 17.92 -17.71 -10.64
C PRO B 216 18.07 -17.85 -12.16
N ALA B 217 17.26 -17.15 -12.94
CA ALA B 217 17.41 -17.20 -14.37
C ALA B 217 18.80 -16.75 -14.88
N GLY B 218 19.54 -15.95 -14.09
CA GLY B 218 20.89 -15.55 -14.46
C GLY B 218 20.96 -14.48 -15.53
N ARG B 219 19.87 -13.71 -15.71
CA ARG B 219 19.80 -12.68 -16.68
C ARG B 219 18.76 -11.67 -16.26
N LEU B 220 18.88 -10.47 -16.84
CA LEU B 220 17.80 -9.45 -16.70
C LEU B 220 16.60 -9.86 -17.52
N GLY B 221 15.43 -9.44 -17.04
CA GLY B 221 14.21 -9.50 -17.88
C GLY B 221 14.18 -8.48 -19.01
N LYS B 222 13.52 -8.81 -20.09
CA LYS B 222 13.28 -7.82 -21.13
C LYS B 222 11.96 -7.13 -20.95
N PRO B 223 11.93 -5.81 -21.23
CA PRO B 223 10.65 -5.12 -21.17
C PRO B 223 9.58 -5.77 -22.03
N GLU B 224 9.97 -6.32 -23.21
CA GLU B 224 9.06 -7.00 -24.11
C GLU B 224 8.42 -8.25 -23.46
N GLU B 225 9.18 -8.95 -22.64
CA GLU B 225 8.63 -10.08 -21.89
C GLU B 225 7.47 -9.67 -20.94
N VAL B 226 7.68 -8.59 -20.21
CA VAL B 226 6.65 -8.08 -19.30
C VAL B 226 5.47 -7.59 -20.13
N ALA B 227 5.77 -6.92 -21.27
CA ALA B 227 4.71 -6.48 -22.17
C ALA B 227 3.83 -7.62 -22.70
N ALA B 228 4.46 -8.79 -22.94
CA ALA B 228 3.72 -9.95 -23.40
C ALA B 228 2.74 -10.46 -22.34
N LEU B 229 3.19 -10.46 -21.08
CA LEU B 229 2.31 -10.79 -20.00
C LEU B 229 1.14 -9.78 -19.85
N VAL B 230 1.42 -8.48 -19.97
CA VAL B 230 0.36 -7.48 -19.89
C VAL B 230 -0.64 -7.76 -21.04
N ALA B 231 -0.11 -8.08 -22.24
CA ALA B 231 -1.01 -8.31 -23.37
C ALA B 231 -1.91 -9.53 -23.14
N TYR B 232 -1.36 -10.60 -22.55
CA TYR B 232 -2.15 -11.76 -22.15
C TYR B 232 -3.28 -11.28 -21.22
N LEU B 233 -2.97 -10.47 -20.20
CA LEU B 233 -4.01 -10.09 -19.23
C LEU B 233 -5.11 -9.25 -19.88
N CYS B 234 -4.75 -8.46 -20.92
CA CYS B 234 -5.70 -7.58 -21.60
C CYS B 234 -6.50 -8.33 -22.69
N SER B 235 -6.13 -9.59 -22.97
CA SER B 235 -6.78 -10.39 -24.00
C SER B 235 -8.19 -10.81 -23.65
N GLU B 236 -8.90 -11.26 -24.68
CA GLU B 236 -10.28 -11.68 -24.54
C GLU B 236 -10.37 -12.92 -23.74
N GLU B 237 -9.39 -13.82 -23.81
CA GLU B 237 -9.52 -15.08 -23.08
C GLU B 237 -8.95 -15.06 -21.67
N ALA B 238 -8.56 -13.88 -21.17
CA ALA B 238 -8.07 -13.77 -19.77
C ALA B 238 -9.13 -13.22 -18.80
N GLY B 239 -10.40 -13.42 -19.15
CA GLY B 239 -11.49 -12.89 -18.34
C GLY B 239 -11.76 -13.56 -17.01
N PHE B 240 -11.19 -14.74 -16.78
CA PHE B 240 -11.36 -15.39 -15.51
C PHE B 240 -10.20 -15.16 -14.56
N VAL B 241 -9.24 -14.32 -14.93
CA VAL B 241 -8.12 -13.97 -14.05
C VAL B 241 -8.46 -12.59 -13.51
N THR B 242 -8.68 -12.47 -12.20
CA THR B 242 -8.93 -11.19 -11.59
C THR B 242 -8.53 -11.21 -10.13
N GLY B 243 -8.03 -10.07 -9.69
CA GLY B 243 -7.49 -9.87 -8.35
C GLY B 243 -6.09 -10.50 -8.10
N SER B 244 -5.43 -10.97 -9.15
CA SER B 244 -4.14 -11.69 -9.09
C SER B 244 -2.98 -10.72 -9.04
N ASN B 245 -1.83 -11.18 -8.55
CA ASN B 245 -0.54 -10.49 -8.63
C ASN B 245 0.48 -11.43 -9.27
N ILE B 246 0.81 -11.22 -10.55
CA ILE B 246 1.64 -12.18 -11.31
C ILE B 246 3.08 -11.71 -11.30
N ALA B 247 3.91 -12.58 -10.73
CA ALA B 247 5.37 -12.34 -10.62
C ALA B 247 6.07 -12.66 -11.93
N ILE B 248 6.86 -11.71 -12.43
CA ILE B 248 7.69 -11.99 -13.62
C ILE B 248 9.09 -11.53 -13.30
N ASN B 249 9.80 -12.40 -12.60
CA ASN B 249 11.04 -11.96 -11.95
C ASN B 249 12.26 -12.90 -12.07
N GLY B 250 12.19 -13.89 -12.97
CA GLY B 250 13.37 -14.77 -13.14
C GLY B 250 13.58 -15.69 -11.96
N GLY B 251 12.56 -15.82 -11.06
CA GLY B 251 12.73 -16.59 -9.84
C GLY B 251 13.34 -15.86 -8.67
N GLN B 252 13.54 -14.54 -8.83
CA GLN B 252 14.12 -13.74 -7.73
C GLN B 252 13.36 -13.81 -6.44
N HIS B 253 12.03 -13.93 -6.54
CA HIS B 253 11.20 -14.10 -5.36
C HIS B 253 10.03 -15.05 -5.72
N MET B 254 9.70 -15.94 -4.77
CA MET B 254 8.69 -16.93 -4.88
C MET B 254 8.00 -16.96 -3.51
N HIS B 255 6.76 -17.42 -3.48
CA HIS B 255 6.08 -17.49 -2.18
C HIS B 255 5.02 -18.54 -2.17
CL CL C . -8.76 9.72 18.51
C1 EDO D . 3.33 -13.58 25.31
O1 EDO D . 2.54 -14.05 26.42
C2 EDO D . 4.24 -12.41 25.68
O2 EDO D . 3.57 -11.27 26.27
C1 EDO E . -2.71 18.01 -18.65
O1 EDO E . -4.02 17.39 -18.40
C2 EDO E . -1.76 18.34 -17.44
O2 EDO E . -2.36 18.78 -16.19
#